data_7S5I
#
_entry.id   7S5I
#
_cell.length_a   178.360
_cell.length_b   50.049
_cell.length_c   82.506
_cell.angle_alpha   90.000
_cell.angle_beta   111.770
_cell.angle_gamma   90.000
#
_symmetry.space_group_name_H-M   'C 1 2 1'
#
loop_
_entity.id
_entity.type
_entity.pdbx_description
1 polymer 'Sorbitol-6-phosphate dehydrogenase'
2 water water
#
_entity_poly.entity_id   1
_entity_poly.type   'polypeptide(L)'
_entity_poly.pdbx_seq_one_letter_code
;MSTITLNNGFEMPVIGLGLWRLEKEELRSAILNAIKLGYRHFDAAAHYKTEIDVGNAIAEAIQSGLVKREELFITSKVWN
SDHGHVVEACKNSLKKLQLDYLDLYLVHYPLATKHSGVGTTASLLDENKVLDIDVTVSLETTWHDMEKTVSLGLVRSIGL
SNYELFLTRDCLSYAKIKPQVSQFETHPYFQRESLVRFCKKHGVVPMAHTPLGGATANVKAFGSISPLEDPVLIGLAKKY
QKSVAQIALRWNIERGTPVIPKSSKVERLKENLEVLNFKLEKEDIELINTIDKKFRTTLPSLSWGVDVYA
;
_entity_poly.pdbx_strand_id   A,B
#
# COMPACT_ATOMS: atom_id res chain seq x y z
N MET A 1 -0.68 32.20 -12.77
CA MET A 1 -1.68 31.90 -11.75
C MET A 1 -1.09 31.02 -10.65
N SER A 2 -1.56 31.23 -9.43
CA SER A 2 -0.94 30.65 -8.25
C SER A 2 -1.77 29.56 -7.61
N THR A 3 -2.93 29.23 -8.18
CA THR A 3 -3.84 28.26 -7.59
C THR A 3 -4.20 27.18 -8.60
N ILE A 4 -4.76 26.11 -8.05
CA ILE A 4 -5.31 24.99 -8.82
C ILE A 4 -6.75 24.79 -8.38
N THR A 5 -7.64 24.53 -9.34
CA THR A 5 -9.05 24.38 -9.04
C THR A 5 -9.31 22.95 -8.57
N LEU A 6 -9.86 22.80 -7.36
CA LEU A 6 -10.26 21.50 -6.86
C LEU A 6 -11.59 21.08 -7.52
N ASN A 7 -11.90 19.78 -7.40
CA ASN A 7 -13.06 19.28 -8.16
C ASN A 7 -14.41 19.72 -7.58
N ASN A 8 -14.40 20.45 -6.48
CA ASN A 8 -15.59 21.09 -5.93
C ASN A 8 -15.58 22.60 -6.15
N GLY A 9 -14.67 23.10 -6.98
CA GLY A 9 -14.70 24.49 -7.37
C GLY A 9 -13.81 25.43 -6.56
N PHE A 10 -13.30 25.01 -5.42
CA PHE A 10 -12.44 25.89 -4.63
C PHE A 10 -11.03 25.95 -5.22
N GLU A 11 -10.42 27.14 -5.13
CA GLU A 11 -9.05 27.34 -5.60
C GLU A 11 -8.08 27.11 -4.45
N MET A 12 -7.05 26.32 -4.71
CA MET A 12 -6.06 25.98 -3.69
C MET A 12 -4.69 26.49 -4.13
N PRO A 13 -3.98 27.27 -3.31
CA PRO A 13 -2.63 27.69 -3.72
C PRO A 13 -1.73 26.49 -3.95
N VAL A 14 -0.95 26.54 -5.03
CA VAL A 14 -0.11 25.39 -5.37
C VAL A 14 1.18 25.34 -4.55
N ILE A 15 1.55 26.42 -3.86
CA ILE A 15 2.64 26.42 -2.88
C ILE A 15 2.05 26.61 -1.50
N GLY A 16 2.38 25.71 -0.58
CA GLY A 16 2.00 25.88 0.80
C GLY A 16 3.20 25.66 1.72
N LEU A 17 3.02 26.07 2.97
CA LEU A 17 4.04 25.87 3.98
C LEU A 17 3.67 24.61 4.78
N GLY A 18 4.52 23.59 4.70
CA GLY A 18 4.37 22.42 5.55
C GLY A 18 4.82 22.74 6.95
N LEU A 19 3.97 22.44 7.94
CA LEU A 19 4.26 22.85 9.31
C LEU A 19 4.80 21.73 10.17
N TRP A 20 4.92 20.52 9.62
CA TRP A 20 5.45 19.40 10.38
C TRP A 20 6.88 19.71 10.81
N ARG A 21 7.13 19.57 12.11
CA ARG A 21 8.41 19.75 12.79
C ARG A 21 8.79 21.21 13.00
N LEU A 22 7.87 22.15 12.84
CA LEU A 22 8.05 23.54 13.27
C LEU A 22 7.33 23.74 14.60
N GLU A 23 8.02 24.32 15.58
CA GLU A 23 7.37 24.56 16.87
C GLU A 23 7.84 25.87 17.47
N LYS A 24 7.09 26.32 18.47
CA LYS A 24 7.42 27.44 19.34
C LYS A 24 7.78 28.70 18.57
N GLU A 25 8.84 29.42 18.99
CA GLU A 25 9.15 30.69 18.36
C GLU A 25 9.44 30.53 16.86
N GLU A 26 10.09 29.43 16.48
CA GLU A 26 10.36 29.17 15.07
C GLU A 26 9.07 29.04 14.27
N LEU A 27 8.07 28.36 14.84
CA LEU A 27 6.77 28.24 14.19
C LEU A 27 6.09 29.60 14.03
N ARG A 28 6.13 30.43 15.08
CA ARG A 28 5.47 31.73 15.00
C ARG A 28 6.11 32.60 13.94
N SER A 29 7.45 32.68 13.93
CA SER A 29 8.16 33.49 12.95
C SER A 29 7.95 32.97 11.54
N ALA A 30 7.95 31.64 11.37
CA ALA A 30 7.80 31.05 10.05
C ALA A 30 6.46 31.42 9.44
N ILE A 31 5.38 31.29 10.23
CA ILE A 31 4.05 31.59 9.70
C ILE A 31 3.92 33.07 9.39
N LEU A 32 4.37 33.94 10.31
CA LEU A 32 4.29 35.38 10.06
C LEU A 32 5.13 35.78 8.84
N ASN A 33 6.38 35.32 8.80
CA ASN A 33 7.24 35.64 7.66
C ASN A 33 6.62 35.12 6.36
N ALA A 34 6.07 33.90 6.40
CA ALA A 34 5.50 33.35 5.18
C ALA A 34 4.33 34.17 4.70
N ILE A 35 3.43 34.57 5.62
CA ILE A 35 2.29 35.36 5.20
C ILE A 35 2.76 36.70 4.62
N LYS A 36 3.73 37.33 5.28
CA LYS A 36 4.27 38.59 4.76
C LYS A 36 4.86 38.41 3.35
N LEU A 37 5.52 37.29 3.10
CA LEU A 37 6.09 37.04 1.78
C LEU A 37 5.05 36.73 0.73
N GLY A 38 3.86 36.29 1.15
CA GLY A 38 2.78 35.98 0.24
C GLY A 38 2.24 34.57 0.32
N TYR A 39 2.73 33.72 1.23
CA TYR A 39 2.13 32.40 1.39
C TYR A 39 0.67 32.53 1.81
N ARG A 40 -0.18 31.70 1.21
CA ARG A 40 -1.60 31.69 1.56
C ARG A 40 -2.11 30.28 1.87
N HIS A 41 -1.23 29.29 1.97
CA HIS A 41 -1.63 27.90 2.15
C HIS A 41 -0.74 27.34 3.26
N PHE A 42 -1.37 26.81 4.30
CA PHE A 42 -0.66 26.32 5.49
C PHE A 42 -1.17 24.94 5.82
N ASP A 43 -0.25 23.98 5.97
CA ASP A 43 -0.61 22.58 6.15
C ASP A 43 -0.30 22.16 7.59
N ALA A 44 -1.35 22.01 8.39
CA ALA A 44 -1.25 21.65 9.81
C ALA A 44 -1.81 20.26 10.02
N ALA A 45 -1.77 19.79 11.27
CA ALA A 45 -2.33 18.49 11.61
C ALA A 45 -2.54 18.43 13.12
N ALA A 46 -3.59 17.72 13.53
CA ALA A 46 -3.83 17.53 14.95
C ALA A 46 -2.61 16.89 15.63
N HIS A 47 -2.03 15.88 14.98
CA HIS A 47 -1.01 15.12 15.70
C HIS A 47 0.36 15.79 15.71
N TYR A 48 0.51 16.92 15.00
CA TYR A 48 1.72 17.71 15.21
C TYR A 48 1.76 18.33 16.59
N LYS A 49 0.61 18.39 17.29
CA LYS A 49 0.51 18.95 18.64
C LYS A 49 0.81 20.44 18.66
N THR A 50 0.56 21.11 17.54
CA THR A 50 0.86 22.53 17.41
C THR A 50 -0.34 23.35 16.94
N GLU A 51 -1.55 22.77 16.90
CA GLU A 51 -2.67 23.50 16.31
C GLU A 51 -2.95 24.80 17.08
N ILE A 52 -2.82 24.79 18.43
CA ILE A 52 -3.05 26.04 19.16
C ILE A 52 -2.04 27.09 18.75
N ASP A 53 -0.77 26.70 18.59
CA ASP A 53 0.25 27.68 18.21
C ASP A 53 0.06 28.15 16.78
N VAL A 54 -0.36 27.25 15.88
CA VAL A 54 -0.66 27.64 14.50
C VAL A 54 -1.79 28.64 14.49
N GLY A 55 -2.86 28.34 15.23
CA GLY A 55 -3.99 29.26 15.34
C GLY A 55 -3.57 30.61 15.89
N ASN A 56 -2.69 30.62 16.90
CA ASN A 56 -2.24 31.88 17.48
C ASN A 56 -1.47 32.72 16.45
N ALA A 57 -0.64 32.07 15.61
CA ALA A 57 0.13 32.80 14.61
C ALA A 57 -0.78 33.38 13.53
N ILE A 58 -1.74 32.57 13.05
CA ILE A 58 -2.68 33.05 12.05
C ILE A 58 -3.53 34.17 12.63
N ALA A 59 -3.96 34.02 13.88
CA ALA A 59 -4.74 35.08 14.52
C ALA A 59 -3.93 36.38 14.60
N GLU A 60 -2.66 36.29 14.96
CA GLU A 60 -1.83 37.50 14.99
C GLU A 60 -1.75 38.15 13.62
N ALA A 61 -1.52 37.36 12.59
CA ALA A 61 -1.41 37.90 11.23
C ALA A 61 -2.69 38.60 10.79
N ILE A 62 -3.85 37.98 11.06
CA ILE A 62 -5.12 38.59 10.68
C ILE A 62 -5.34 39.88 11.47
N GLN A 63 -5.06 39.86 12.79
CA GLN A 63 -5.31 40.99 13.68
C GLN A 63 -4.36 42.12 13.38
N SER A 64 -3.15 41.81 12.89
CA SER A 64 -2.19 42.83 12.47
C SER A 64 -2.47 43.34 11.07
N GLY A 65 -3.50 42.82 10.39
CA GLY A 65 -3.83 43.29 9.06
C GLY A 65 -2.98 42.73 7.94
N LEU A 66 -2.22 41.68 8.19
CA LEU A 66 -1.35 41.11 7.17
C LEU A 66 -2.14 40.33 6.12
N VAL A 67 -3.29 39.78 6.50
CA VAL A 67 -4.06 38.89 5.63
C VAL A 67 -5.45 38.76 6.23
N LYS A 68 -6.40 38.33 5.40
CA LYS A 68 -7.78 38.04 5.80
C LYS A 68 -7.97 36.52 5.82
N ARG A 69 -8.83 36.03 6.72
CA ARG A 69 -9.12 34.59 6.78
C ARG A 69 -9.50 34.03 5.42
N GLU A 70 -10.39 34.72 4.69
CA GLU A 70 -10.89 34.18 3.43
C GLU A 70 -9.80 34.05 2.39
N GLU A 71 -8.67 34.76 2.57
CA GLU A 71 -7.56 34.62 1.64
C GLU A 71 -6.65 33.43 1.95
N LEU A 72 -6.80 32.83 3.12
CA LEU A 72 -5.93 31.74 3.55
C LEU A 72 -6.56 30.41 3.20
N PHE A 73 -5.70 29.43 2.90
CA PHE A 73 -6.11 28.04 2.69
C PHE A 73 -5.47 27.23 3.81
N ILE A 74 -6.28 26.77 4.76
N ILE A 74 -6.28 26.79 4.77
CA ILE A 74 -5.78 26.11 5.96
CA ILE A 74 -5.78 26.11 5.96
C ILE A 74 -6.21 24.66 5.97
C ILE A 74 -6.20 24.66 5.92
N THR A 75 -5.24 23.76 6.09
CA THR A 75 -5.46 22.33 6.11
C THR A 75 -5.18 21.80 7.51
N SER A 76 -6.00 20.85 7.98
CA SER A 76 -5.56 20.00 9.09
C SER A 76 -5.90 18.56 8.75
N LYS A 77 -5.63 17.66 9.69
CA LYS A 77 -5.69 16.22 9.43
C LYS A 77 -6.17 15.50 10.67
N VAL A 78 -6.98 14.45 10.47
CA VAL A 78 -7.47 13.62 11.57
C VAL A 78 -6.48 12.49 11.83
N TRP A 79 -6.09 12.33 13.09
CA TRP A 79 -5.07 11.32 13.39
C TRP A 79 -5.65 9.89 13.41
N ASN A 80 -4.72 8.92 13.36
CA ASN A 80 -5.06 7.51 13.34
C ASN A 80 -5.93 7.10 14.52
N SER A 81 -5.79 7.78 15.66
CA SER A 81 -6.53 7.44 16.87
C SER A 81 -7.97 7.93 16.83
N ASP A 82 -8.34 8.73 15.81
CA ASP A 82 -9.66 9.34 15.73
C ASP A 82 -10.42 8.88 14.49
N HIS A 83 -10.05 7.74 13.90
CA HIS A 83 -10.81 7.25 12.76
C HIS A 83 -12.26 6.94 13.11
N GLY A 84 -12.57 6.68 14.38
CA GLY A 84 -13.90 6.47 14.91
C GLY A 84 -14.52 7.72 15.50
N HIS A 85 -13.83 8.86 15.44
CA HIS A 85 -14.27 10.11 16.08
C HIS A 85 -14.02 11.31 15.18
N VAL A 86 -14.30 11.14 13.88
CA VAL A 86 -13.86 12.15 12.90
C VAL A 86 -14.52 13.50 13.17
N VAL A 87 -15.84 13.52 13.39
CA VAL A 87 -16.52 14.81 13.50
C VAL A 87 -16.03 15.56 14.73
N GLU A 88 -15.95 14.88 15.88
CA GLU A 88 -15.45 15.57 17.07
C GLU A 88 -13.97 15.95 16.94
N ALA A 89 -13.16 15.12 16.26
CA ALA A 89 -11.77 15.52 16.01
C ALA A 89 -11.70 16.80 15.18
N CYS A 90 -12.59 16.89 14.19
CA CYS A 90 -12.63 18.06 13.33
C CYS A 90 -13.03 19.31 14.12
N LYS A 91 -14.08 19.19 14.93
CA LYS A 91 -14.49 20.31 15.77
C LYS A 91 -13.34 20.72 16.68
N ASN A 92 -12.57 19.74 17.18
CA ASN A 92 -11.47 20.07 18.07
C ASN A 92 -10.38 20.83 17.33
N SER A 93 -10.01 20.36 16.13
CA SER A 93 -9.05 21.10 15.31
C SER A 93 -9.49 22.54 15.08
N LEU A 94 -10.78 22.74 14.76
CA LEU A 94 -11.28 24.09 14.55
C LEU A 94 -11.14 24.93 15.82
N LYS A 95 -11.47 24.35 16.98
CA LYS A 95 -11.36 25.06 18.24
C LYS A 95 -9.92 25.49 18.49
N LYS A 96 -8.97 24.56 18.31
CA LYS A 96 -7.58 24.88 18.59
C LYS A 96 -7.01 25.88 17.60
N LEU A 97 -7.41 25.79 16.32
CA LEU A 97 -6.94 26.70 15.28
C LEU A 97 -7.65 28.04 15.32
N GLN A 98 -8.67 28.19 16.17
CA GLN A 98 -9.48 29.42 16.23
C GLN A 98 -10.14 29.73 14.90
N LEU A 99 -10.68 28.71 14.24
CA LEU A 99 -11.32 28.84 12.95
C LEU A 99 -12.76 28.37 13.01
N ASP A 100 -13.58 28.89 12.10
CA ASP A 100 -14.94 28.40 11.98
C ASP A 100 -15.11 27.35 10.88
N TYR A 101 -14.17 27.29 9.93
CA TYR A 101 -14.15 26.25 8.92
C TYR A 101 -12.70 25.96 8.56
N LEU A 102 -12.45 24.76 8.06
CA LEU A 102 -11.18 24.39 7.46
C LEU A 102 -11.34 24.41 5.94
N ASP A 103 -10.28 24.80 5.23
CA ASP A 103 -10.33 24.66 3.78
C ASP A 103 -10.17 23.21 3.34
N LEU A 104 -9.34 22.45 4.03
CA LEU A 104 -9.06 21.07 3.65
C LEU A 104 -8.86 20.27 4.92
N TYR A 105 -9.43 19.07 4.93
CA TYR A 105 -9.30 18.15 6.05
C TYR A 105 -8.94 16.79 5.46
N LEU A 106 -7.82 16.22 5.93
CA LEU A 106 -7.29 14.97 5.36
C LEU A 106 -7.29 13.85 6.39
N VAL A 107 -7.47 12.62 5.91
CA VAL A 107 -7.21 11.45 6.75
C VAL A 107 -5.69 11.24 6.78
N HIS A 108 -5.07 11.41 7.95
CA HIS A 108 -3.60 11.52 8.01
C HIS A 108 -2.93 10.26 7.51
N TYR A 109 -3.45 9.08 7.86
CA TYR A 109 -2.96 7.81 7.36
C TYR A 109 -4.14 6.90 7.11
N PRO A 110 -4.00 5.93 6.21
CA PRO A 110 -5.04 4.91 5.98
C PRO A 110 -4.98 3.81 7.03
N LEU A 111 -5.03 4.22 8.31
CA LEU A 111 -4.70 3.33 9.42
C LEU A 111 -5.46 3.84 10.64
N ALA A 112 -6.26 2.96 11.25
CA ALA A 112 -6.92 3.29 12.51
C ALA A 112 -6.17 2.65 13.66
N THR A 113 -5.94 3.40 14.74
CA THR A 113 -5.33 2.88 15.96
C THR A 113 -6.21 3.25 17.15
N LYS A 114 -5.85 2.71 18.31
CA LYS A 114 -6.70 2.84 19.51
C LYS A 114 -6.97 4.30 19.86
N HIS A 115 -8.22 4.61 20.16
CA HIS A 115 -8.60 5.99 20.47
C HIS A 115 -8.01 6.43 21.81
N SER A 116 -7.52 7.69 21.85
CA SER A 116 -6.83 8.23 23.01
C SER A 116 -7.45 9.52 23.50
N GLY A 117 -8.66 9.83 23.06
CA GLY A 117 -9.33 11.04 23.52
C GLY A 117 -9.32 12.11 22.43
N VAL A 118 -10.45 12.79 22.27
CA VAL A 118 -10.56 13.84 21.28
C VAL A 118 -9.74 15.04 21.74
N GLY A 119 -8.85 15.53 20.86
CA GLY A 119 -7.92 16.59 21.18
C GLY A 119 -6.64 16.15 21.86
N THR A 120 -6.50 14.85 22.12
CA THR A 120 -5.31 14.31 22.77
C THR A 120 -4.88 13.08 21.98
N THR A 121 -4.49 13.32 20.73
CA THR A 121 -4.14 12.25 19.80
C THR A 121 -2.88 11.54 20.27
N ALA A 122 -2.82 10.24 19.97
CA ALA A 122 -1.69 9.44 20.41
C ALA A 122 -1.59 8.21 19.52
N SER A 123 -0.42 7.58 19.54
CA SER A 123 -0.20 6.30 18.87
C SER A 123 0.07 5.29 19.98
N LEU A 124 -1.01 4.66 20.46
CA LEU A 124 -0.92 3.82 21.65
C LEU A 124 -0.37 2.45 21.30
N LEU A 125 0.38 1.87 22.22
CA LEU A 125 0.97 0.55 22.01
C LEU A 125 0.18 -0.51 22.79
N ASP A 126 0.23 -1.75 22.30
CA ASP A 126 -0.42 -2.85 22.99
C ASP A 126 0.53 -3.42 24.05
N GLU A 127 0.13 -4.59 24.59
CA GLU A 127 0.87 -5.24 25.67
C GLU A 127 2.28 -5.62 25.25
N ASN A 128 2.49 -5.85 23.96
CA ASN A 128 3.80 -6.24 23.43
C ASN A 128 4.58 -5.05 22.85
N LYS A 129 4.16 -3.82 23.14
CA LYS A 129 4.84 -2.61 22.67
C LYS A 129 4.78 -2.50 21.14
N VAL A 130 3.70 -3.01 20.57
CA VAL A 130 3.40 -2.91 19.15
C VAL A 130 2.19 -2.00 18.99
N LEU A 131 2.23 -1.13 17.98
CA LEU A 131 1.13 -0.20 17.75
C LEU A 131 -0.21 -0.91 17.85
N ASP A 132 -1.13 -0.32 18.64
CA ASP A 132 -2.42 -0.94 18.89
C ASP A 132 -3.34 -0.61 17.72
N ILE A 133 -3.14 -1.34 16.62
CA ILE A 133 -3.90 -1.11 15.40
C ILE A 133 -5.32 -1.63 15.55
N ASP A 134 -6.30 -0.77 15.23
CA ASP A 134 -7.71 -1.08 15.37
C ASP A 134 -8.21 -1.94 14.21
N VAL A 135 -9.11 -2.88 14.50
CA VAL A 135 -9.70 -3.70 13.44
C VAL A 135 -11.22 -3.66 13.54
N THR A 136 -11.76 -2.48 13.90
CA THR A 136 -13.20 -2.29 13.99
C THR A 136 -13.75 -1.16 13.10
N VAL A 137 -12.95 -0.16 12.74
CA VAL A 137 -13.44 0.98 11.97
C VAL A 137 -12.83 0.92 10.57
N SER A 138 -13.68 0.77 9.55
CA SER A 138 -13.19 0.72 8.19
C SER A 138 -12.81 2.11 7.67
N LEU A 139 -11.93 2.12 6.68
CA LEU A 139 -11.57 3.39 6.05
C LEU A 139 -12.78 4.04 5.40
N GLU A 140 -13.74 3.23 4.91
CA GLU A 140 -14.96 3.79 4.34
C GLU A 140 -15.79 4.47 5.41
N THR A 141 -15.94 3.84 6.58
CA THR A 141 -16.68 4.49 7.66
C THR A 141 -16.04 5.82 8.02
N THR A 142 -14.72 5.84 8.12
CA THR A 142 -14.00 7.10 8.36
C THR A 142 -14.29 8.10 7.26
N TRP A 143 -14.29 7.65 6.00
CA TRP A 143 -14.50 8.57 4.89
C TRP A 143 -15.92 9.15 4.91
N HIS A 144 -16.93 8.33 5.21
CA HIS A 144 -18.28 8.88 5.27
C HIS A 144 -18.40 9.89 6.40
N ASP A 145 -17.62 9.76 7.48
CA ASP A 145 -17.65 10.78 8.51
C ASP A 145 -16.87 12.02 8.07
N MET A 146 -15.83 11.86 7.25
CA MET A 146 -15.22 13.01 6.58
C MET A 146 -16.27 13.75 5.74
N GLU A 147 -17.11 13.01 5.03
CA GLU A 147 -18.19 13.65 4.27
C GLU A 147 -19.15 14.39 5.18
N LYS A 148 -19.36 13.90 6.41
CA LYS A 148 -20.22 14.62 7.35
C LYS A 148 -19.62 15.96 7.74
N THR A 149 -18.30 16.05 7.86
CA THR A 149 -17.72 17.35 8.20
C THR A 149 -18.01 18.37 7.11
N VAL A 150 -18.13 17.92 5.86
CA VAL A 150 -18.53 18.81 4.78
C VAL A 150 -19.99 19.19 4.90
N SER A 151 -20.89 18.21 5.11
CA SER A 151 -22.31 18.49 5.21
CA SER A 151 -22.31 18.54 5.18
C SER A 151 -22.65 19.37 6.41
N LEU A 152 -21.83 19.28 7.48
CA LEU A 152 -22.03 20.12 8.66
C LEU A 152 -21.48 21.52 8.48
N GLY A 153 -20.71 21.74 7.43
CA GLY A 153 -20.15 23.04 7.18
C GLY A 153 -18.86 23.30 7.90
N LEU A 154 -18.27 22.27 8.53
CA LEU A 154 -17.00 22.43 9.25
C LEU A 154 -15.84 22.54 8.27
N VAL A 155 -15.96 21.94 7.09
CA VAL A 155 -14.85 21.70 6.19
C VAL A 155 -15.33 21.92 4.78
N ARG A 156 -14.52 22.64 3.96
CA ARG A 156 -14.90 22.82 2.56
C ARG A 156 -14.56 21.59 1.73
N SER A 157 -13.32 21.14 1.86
CA SER A 157 -12.76 20.10 1.00
C SER A 157 -12.13 19.01 1.86
N ILE A 158 -12.24 17.77 1.40
CA ILE A 158 -11.71 16.62 2.14
C ILE A 158 -10.77 15.84 1.25
N GLY A 159 -9.90 15.07 1.88
CA GLY A 159 -8.95 14.31 1.08
C GLY A 159 -8.20 13.29 1.90
N LEU A 160 -7.21 12.70 1.24
CA LEU A 160 -6.43 11.57 1.73
C LEU A 160 -5.01 12.03 2.02
N SER A 161 -4.37 11.35 2.97
CA SER A 161 -2.92 11.54 3.19
C SER A 161 -2.30 10.16 3.33
N ASN A 162 -1.22 9.92 2.57
CA ASN A 162 -0.47 8.66 2.60
C ASN A 162 -1.30 7.46 2.12
N TYR A 163 -2.23 7.70 1.20
CA TYR A 163 -2.94 6.61 0.52
C TYR A 163 -2.26 6.36 -0.83
N GLU A 164 -2.13 5.10 -1.22
CA GLU A 164 -1.50 4.80 -2.51
C GLU A 164 -2.57 4.32 -3.51
N LEU A 165 -2.17 3.59 -4.55
CA LEU A 165 -3.11 3.31 -5.64
CA LEU A 165 -3.10 3.30 -5.64
C LEU A 165 -4.29 2.46 -5.18
N PHE A 166 -4.02 1.34 -4.51
CA PHE A 166 -5.12 0.45 -4.13
C PHE A 166 -6.10 1.17 -3.22
N LEU A 167 -5.58 1.90 -2.23
CA LEU A 167 -6.47 2.55 -1.27
C LEU A 167 -7.20 3.72 -1.91
N THR A 168 -6.56 4.41 -2.85
CA THR A 168 -7.20 5.55 -3.50
C THR A 168 -8.29 5.08 -4.43
N ARG A 169 -8.02 4.02 -5.21
CA ARG A 169 -9.07 3.44 -6.04
C ARG A 169 -10.26 2.99 -5.19
N ASP A 170 -9.98 2.40 -4.04
CA ASP A 170 -11.06 1.97 -3.16
C ASP A 170 -11.89 3.16 -2.70
N CYS A 171 -11.22 4.24 -2.26
CA CYS A 171 -11.97 5.42 -1.85
C CYS A 171 -12.87 5.91 -2.98
N LEU A 172 -12.33 6.07 -4.19
CA LEU A 172 -13.13 6.56 -5.31
C LEU A 172 -14.37 5.71 -5.52
N SER A 173 -14.24 4.39 -5.25
CA SER A 173 -15.33 3.47 -5.52
C SER A 173 -16.45 3.54 -4.49
N TYR A 174 -16.18 4.01 -3.25
CA TYR A 174 -17.26 4.11 -2.26
C TYR A 174 -17.61 5.54 -1.86
N ALA A 175 -16.85 6.53 -2.34
CA ALA A 175 -17.06 7.92 -1.95
C ALA A 175 -18.38 8.47 -2.49
N LYS A 176 -19.10 9.19 -1.63
CA LYS A 176 -20.19 10.02 -2.11
C LYS A 176 -19.72 11.41 -2.50
N ILE A 177 -18.77 11.96 -1.72
CA ILE A 177 -17.99 13.12 -2.11
C ILE A 177 -16.61 12.60 -2.47
N LYS A 178 -16.27 12.69 -3.75
CA LYS A 178 -14.94 12.31 -4.20
C LYS A 178 -13.90 13.15 -3.48
N PRO A 179 -12.76 12.57 -3.06
CA PRO A 179 -11.73 13.39 -2.42
C PRO A 179 -11.28 14.51 -3.36
N GLN A 180 -11.03 15.68 -2.77
CA GLN A 180 -10.49 16.78 -3.57
C GLN A 180 -8.98 16.64 -3.75
N VAL A 181 -8.28 16.09 -2.76
CA VAL A 181 -6.82 16.09 -2.71
C VAL A 181 -6.38 14.72 -2.22
N SER A 182 -5.25 14.24 -2.74
CA SER A 182 -4.54 13.11 -2.15
C SER A 182 -3.09 13.54 -1.93
N GLN A 183 -2.68 13.62 -0.67
CA GLN A 183 -1.36 14.13 -0.31
C GLN A 183 -0.46 12.95 0.02
N PHE A 184 0.75 12.94 -0.52
CA PHE A 184 1.67 11.84 -0.21
C PHE A 184 3.07 12.30 -0.51
N GLU A 185 4.06 11.54 -0.03
CA GLU A 185 5.46 11.87 -0.34
C GLU A 185 5.70 11.68 -1.83
N THR A 186 6.17 12.72 -2.50
CA THR A 186 6.67 12.56 -3.85
C THR A 186 7.59 13.73 -4.21
N HIS A 187 8.66 13.42 -4.94
CA HIS A 187 9.75 14.35 -5.21
C HIS A 187 10.62 13.72 -6.29
N PRO A 188 11.68 14.38 -6.77
CA PRO A 188 12.44 13.81 -7.90
C PRO A 188 13.09 12.45 -7.61
N TYR A 189 13.27 12.05 -6.35
CA TYR A 189 13.82 10.72 -6.09
C TYR A 189 12.75 9.70 -5.73
N PHE A 190 11.46 10.08 -5.72
CA PHE A 190 10.32 9.19 -5.42
C PHE A 190 9.16 9.76 -6.23
N GLN A 191 9.19 9.51 -7.54
CA GLN A 191 8.35 10.27 -8.46
C GLN A 191 6.94 9.72 -8.56
N ARG A 192 6.75 8.42 -8.37
CA ARG A 192 5.40 7.84 -8.22
C ARG A 192 4.48 8.23 -9.38
N GLU A 193 5.05 8.21 -10.59
CA GLU A 193 4.32 8.67 -11.77
C GLU A 193 2.93 8.03 -11.88
N SER A 194 2.84 6.72 -11.67
CA SER A 194 1.55 6.04 -11.86
C SER A 194 0.50 6.54 -10.90
N LEU A 195 0.91 6.82 -9.66
CA LEU A 195 -0.03 7.28 -8.65
C LEU A 195 -0.50 8.70 -8.95
N VAL A 196 0.43 9.60 -9.28
CA VAL A 196 0.08 10.96 -9.67
C VAL A 196 -0.86 10.96 -10.86
N ARG A 197 -0.53 10.17 -11.89
CA ARG A 197 -1.33 10.10 -13.10
C ARG A 197 -2.74 9.57 -12.80
N PHE A 198 -2.83 8.57 -11.90
CA PHE A 198 -4.12 8.00 -11.55
C PHE A 198 -4.98 9.00 -10.80
N CYS A 199 -4.40 9.72 -9.85
CA CYS A 199 -5.18 10.76 -9.16
C CYS A 199 -5.74 11.75 -10.17
N LYS A 200 -4.90 12.20 -11.10
CA LYS A 200 -5.30 13.25 -12.03
C LYS A 200 -6.37 12.75 -12.97
N LYS A 201 -6.27 11.48 -13.40
CA LYS A 201 -7.28 10.92 -14.29
C LYS A 201 -8.66 11.02 -13.67
N HIS A 202 -8.75 10.88 -12.34
CA HIS A 202 -10.03 10.88 -11.65
C HIS A 202 -10.33 12.19 -10.96
N GLY A 203 -9.63 13.26 -11.33
CA GLY A 203 -10.00 14.58 -10.85
C GLY A 203 -9.59 14.88 -9.44
N VAL A 204 -8.67 14.09 -8.89
CA VAL A 204 -8.13 14.29 -7.56
C VAL A 204 -6.80 15.02 -7.71
N VAL A 205 -6.61 16.09 -6.95
CA VAL A 205 -5.34 16.82 -7.03
C VAL A 205 -4.33 16.10 -6.15
N PRO A 206 -3.26 15.52 -6.71
CA PRO A 206 -2.19 14.97 -5.88
C PRO A 206 -1.36 16.11 -5.34
N MET A 207 -0.93 15.97 -4.09
CA MET A 207 -0.15 17.02 -3.43
C MET A 207 1.06 16.37 -2.80
N ALA A 208 2.22 16.99 -3.01
CA ALA A 208 3.48 16.45 -2.53
C ALA A 208 3.80 16.98 -1.13
N HIS A 209 3.69 16.13 -0.11
CA HIS A 209 4.45 16.42 1.10
C HIS A 209 5.86 15.86 0.93
N THR A 210 6.77 16.31 1.79
CA THR A 210 8.19 16.01 1.65
C THR A 210 8.68 16.26 0.21
N PRO A 211 8.37 17.43 -0.36
CA PRO A 211 8.65 17.63 -1.79
C PRO A 211 10.13 17.82 -2.10
N LEU A 212 10.98 17.97 -1.10
CA LEU A 212 12.42 18.01 -1.33
C LEU A 212 13.11 16.71 -0.93
N GLY A 213 12.35 15.65 -0.65
CA GLY A 213 12.99 14.41 -0.22
C GLY A 213 13.64 14.60 1.14
N GLY A 214 14.78 13.96 1.35
CA GLY A 214 15.41 14.13 2.66
C GLY A 214 15.89 15.54 3.00
N ALA A 215 15.83 16.50 2.08
CA ALA A 215 16.77 17.62 2.08
C ALA A 215 16.41 18.78 3.00
N THR A 216 17.43 19.34 3.64
CA THR A 216 17.35 20.59 4.39
C THR A 216 18.57 21.43 4.06
N ALA A 217 18.47 22.75 4.29
CA ALA A 217 19.57 23.67 4.01
C ALA A 217 20.56 23.80 5.17
N ASN A 218 20.54 22.87 6.12
CA ASN A 218 21.43 22.91 7.27
C ASN A 218 22.71 22.13 6.99
N VAL A 219 23.74 22.43 7.78
CA VAL A 219 24.92 21.57 7.83
C VAL A 219 24.55 20.29 8.58
N LYS A 220 24.97 19.14 8.04
CA LYS A 220 24.51 17.85 8.54
C LYS A 220 25.63 16.81 8.49
N ALA A 221 25.36 15.66 9.11
CA ALA A 221 26.27 14.53 9.11
C ALA A 221 26.16 13.75 7.79
N PHE A 222 27.15 12.89 7.55
CA PHE A 222 27.16 12.06 6.34
C PHE A 222 26.06 11.01 6.42
N GLY A 223 25.57 10.59 5.25
CA GLY A 223 24.66 9.47 5.19
C GLY A 223 23.21 9.90 5.19
N SER A 224 22.84 10.73 4.21
CA SER A 224 21.45 11.13 4.03
C SER A 224 21.31 11.51 2.56
N ILE A 225 20.70 10.63 1.79
CA ILE A 225 20.57 10.74 0.34
C ILE A 225 19.34 11.56 0.00
N SER A 226 19.51 12.48 -0.96
CA SER A 226 18.52 13.52 -1.26
C SER A 226 18.57 13.91 -2.74
N PRO A 227 17.41 14.13 -3.36
CA PRO A 227 17.41 14.52 -4.78
C PRO A 227 18.12 15.83 -5.03
N LEU A 228 18.28 16.68 -4.01
CA LEU A 228 18.87 18.00 -4.23
C LEU A 228 20.37 17.92 -4.48
N GLU A 229 21.00 16.81 -4.15
CA GLU A 229 22.41 16.60 -4.44
C GLU A 229 22.64 15.89 -5.77
N ASP A 230 21.57 15.63 -6.53
CA ASP A 230 21.76 14.94 -7.80
C ASP A 230 22.40 15.89 -8.80
N PRO A 231 23.44 15.47 -9.51
CA PRO A 231 24.04 16.35 -10.52
C PRO A 231 23.07 16.91 -11.54
N VAL A 232 22.00 16.18 -11.87
CA VAL A 232 21.03 16.70 -12.84
C VAL A 232 20.35 17.95 -12.28
N LEU A 233 19.93 17.91 -11.02
CA LEU A 233 19.28 19.08 -10.44
C LEU A 233 20.29 20.21 -10.21
N ILE A 234 21.53 19.88 -9.86
CA ILE A 234 22.55 20.91 -9.67
C ILE A 234 22.81 21.64 -10.99
N GLY A 235 22.89 20.89 -12.08
CA GLY A 235 23.10 21.51 -13.39
C GLY A 235 21.93 22.39 -13.81
N LEU A 236 20.70 21.95 -13.49
CA LEU A 236 19.53 22.74 -13.88
C LEU A 236 19.43 23.99 -13.03
N ALA A 237 19.81 23.90 -11.76
CA ALA A 237 19.83 25.08 -10.91
C ALA A 237 20.78 26.13 -11.49
N LYS A 238 21.94 25.70 -11.99
CA LYS A 238 22.86 26.64 -12.63
C LYS A 238 22.25 27.22 -13.89
N LYS A 239 21.57 26.38 -14.68
CA LYS A 239 21.02 26.85 -15.94
C LYS A 239 19.97 27.92 -15.72
N TYR A 240 19.02 27.67 -14.81
CA TYR A 240 17.90 28.58 -14.56
C TYR A 240 18.25 29.67 -13.57
N GLN A 241 19.41 29.63 -12.94
CA GLN A 241 19.80 30.54 -11.86
C GLN A 241 18.78 30.47 -10.74
N LYS A 242 18.59 29.26 -10.23
CA LYS A 242 17.66 28.96 -9.15
C LYS A 242 18.37 28.03 -8.19
N SER A 243 17.79 27.86 -7.00
CA SER A 243 18.34 26.86 -6.09
C SER A 243 17.88 25.47 -6.54
N VAL A 244 18.62 24.44 -6.07
CA VAL A 244 18.20 23.08 -6.41
C VAL A 244 16.83 22.80 -5.84
N ALA A 245 16.50 23.36 -4.68
CA ALA A 245 15.16 23.20 -4.13
C ALA A 245 14.11 23.80 -5.05
N GLN A 246 14.40 24.98 -5.61
CA GLN A 246 13.41 25.58 -6.51
C GLN A 246 13.18 24.72 -7.74
N ILE A 247 14.24 24.09 -8.26
CA ILE A 247 14.07 23.20 -9.41
C ILE A 247 13.20 22.01 -9.03
N ALA A 248 13.47 21.40 -7.87
CA ALA A 248 12.69 20.25 -7.44
C ALA A 248 11.23 20.60 -7.27
N LEU A 249 10.95 21.76 -6.65
CA LEU A 249 9.57 22.16 -6.43
C LEU A 249 8.87 22.43 -7.74
N ARG A 250 9.54 23.16 -8.66
CA ARG A 250 8.91 23.50 -9.92
C ARG A 250 8.59 22.25 -10.72
N TRP A 251 9.44 21.23 -10.62
CA TRP A 251 9.16 19.97 -11.31
C TRP A 251 7.79 19.39 -10.89
N ASN A 252 7.46 19.40 -9.59
CA ASN A 252 6.14 18.94 -9.19
C ASN A 252 5.04 19.89 -9.70
N ILE A 253 5.27 21.20 -9.63
CA ILE A 253 4.24 22.14 -10.09
C ILE A 253 3.94 21.93 -11.56
N GLU A 254 4.97 21.65 -12.37
CA GLU A 254 4.78 21.46 -13.81
C GLU A 254 3.86 20.30 -14.13
N ARG A 255 3.77 19.30 -13.24
CA ARG A 255 2.87 18.18 -13.48
C ARG A 255 1.61 18.28 -12.64
N GLY A 256 1.26 19.48 -12.20
CA GLY A 256 -0.04 19.68 -11.58
C GLY A 256 -0.09 19.12 -10.17
N THR A 257 1.05 19.07 -9.50
CA THR A 257 1.17 18.51 -8.15
C THR A 257 1.63 19.62 -7.21
N PRO A 258 0.72 20.26 -6.49
CA PRO A 258 1.10 21.28 -5.50
C PRO A 258 2.07 20.74 -4.48
N VAL A 259 2.85 21.65 -3.89
CA VAL A 259 3.93 21.27 -2.99
C VAL A 259 3.79 21.98 -1.65
N ILE A 260 4.17 21.30 -0.57
CA ILE A 260 4.17 21.98 0.73
C ILE A 260 5.54 21.86 1.40
N PRO A 261 6.54 22.56 0.87
CA PRO A 261 7.88 22.54 1.49
C PRO A 261 7.84 23.10 2.90
N LYS A 262 8.72 22.57 3.76
CA LYS A 262 8.86 23.05 5.11
C LYS A 262 10.06 24.00 5.18
N SER A 263 9.91 25.10 5.91
CA SER A 263 11.01 26.02 6.12
C SER A 263 10.63 27.15 7.05
N SER A 264 11.60 27.61 7.84
CA SER A 264 11.43 28.79 8.67
C SER A 264 12.31 29.94 8.22
N LYS A 265 13.32 29.67 7.42
CA LYS A 265 14.33 30.64 7.04
C LYS A 265 13.78 31.53 5.93
N VAL A 266 13.81 32.85 6.17
CA VAL A 266 13.11 33.78 5.28
C VAL A 266 13.63 33.68 3.85
N GLU A 267 14.95 33.53 3.68
CA GLU A 267 15.51 33.44 2.33
C GLU A 267 14.93 32.25 1.59
N ARG A 268 14.68 31.17 2.31
CA ARG A 268 14.25 29.96 1.63
C ARG A 268 12.76 29.96 1.41
N LEU A 269 12.04 30.49 2.41
CA LEU A 269 10.63 30.75 2.23
C LEU A 269 10.40 31.56 0.96
N LYS A 270 11.16 32.63 0.78
CA LYS A 270 11.00 33.48 -0.38
C LYS A 270 11.31 32.72 -1.67
N GLU A 271 12.42 31.99 -1.69
CA GLU A 271 12.79 31.22 -2.88
C GLU A 271 11.71 30.21 -3.23
N ASN A 272 11.19 29.52 -2.23
CA ASN A 272 10.20 28.49 -2.53
C ASN A 272 8.93 29.09 -3.11
N LEU A 273 8.53 30.26 -2.60
CA LEU A 273 7.34 30.89 -3.17
C LEU A 273 7.62 31.43 -4.57
N GLU A 274 8.87 31.83 -4.86
CA GLU A 274 9.21 32.32 -6.19
C GLU A 274 9.28 31.21 -7.24
N VAL A 275 9.03 29.96 -6.85
CA VAL A 275 8.82 28.90 -7.83
C VAL A 275 7.68 29.25 -8.76
N LEU A 276 6.74 30.08 -8.29
CA LEU A 276 5.65 30.55 -9.15
C LEU A 276 6.12 31.38 -10.32
N ASN A 277 7.35 31.90 -10.30
CA ASN A 277 7.78 32.96 -11.22
C ASN A 277 8.68 32.49 -12.35
N PHE A 278 8.94 31.18 -12.46
CA PHE A 278 9.66 30.64 -13.60
C PHE A 278 9.02 29.32 -14.01
N LYS A 279 9.40 28.84 -15.19
CA LYS A 279 8.92 27.56 -15.70
C LYS A 279 10.12 26.74 -16.17
N LEU A 280 10.00 25.43 -16.00
CA LEU A 280 10.98 24.51 -16.57
C LEU A 280 10.60 24.18 -18.02
N GLU A 281 11.60 24.16 -18.90
CA GLU A 281 11.39 23.72 -20.28
C GLU A 281 11.03 22.23 -20.32
N LYS A 282 10.30 21.86 -21.37
CA LYS A 282 9.84 20.48 -21.53
C LYS A 282 10.98 19.48 -21.43
N GLU A 283 12.07 19.75 -22.15
CA GLU A 283 13.18 18.79 -22.18
C GLU A 283 13.83 18.67 -20.81
N ASP A 284 13.78 19.72 -19.99
CA ASP A 284 14.39 19.64 -18.66
C ASP A 284 13.50 18.87 -17.69
N ILE A 285 12.18 18.98 -17.84
CA ILE A 285 11.26 18.11 -17.13
C ILE A 285 11.56 16.65 -17.44
N GLU A 286 11.75 16.33 -18.73
CA GLU A 286 12.01 14.94 -19.11
C GLU A 286 13.34 14.48 -18.56
N LEU A 287 14.31 15.39 -18.46
CA LEU A 287 15.58 15.03 -17.85
C LEU A 287 15.40 14.67 -16.37
N ILE A 288 14.61 15.46 -15.65
CA ILE A 288 14.40 15.15 -14.24
C ILE A 288 13.66 13.84 -14.10
N ASN A 289 12.73 13.55 -15.02
CA ASN A 289 12.01 12.29 -14.94
C ASN A 289 12.95 11.08 -14.94
N THR A 290 14.18 11.22 -15.46
CA THR A 290 15.05 10.04 -15.53
C THR A 290 15.72 9.68 -14.20
N ILE A 291 15.65 10.53 -13.18
CA ILE A 291 16.45 10.30 -11.98
C ILE A 291 15.66 9.66 -10.86
N ASP A 292 14.43 9.18 -11.11
CA ASP A 292 13.65 8.55 -10.06
C ASP A 292 14.44 7.44 -9.38
N LYS A 293 14.39 7.40 -8.05
CA LYS A 293 15.03 6.34 -7.27
C LYS A 293 14.02 5.47 -6.52
N LYS A 294 12.71 5.77 -6.63
CA LYS A 294 11.67 5.05 -5.88
C LYS A 294 12.01 4.97 -4.40
N PHE A 295 12.47 6.10 -3.84
CA PHE A 295 13.10 6.13 -2.52
C PHE A 295 12.22 6.87 -1.52
N ARG A 296 11.61 6.13 -0.60
CA ARG A 296 10.73 6.69 0.43
C ARG A 296 11.55 7.18 1.62
N THR A 297 11.41 8.48 1.97
CA THR A 297 12.14 9.04 3.10
C THR A 297 11.28 9.39 4.32
N THR A 298 9.97 9.55 4.18
CA THR A 298 9.12 9.99 5.29
C THR A 298 8.42 8.79 5.87
N LEU A 299 8.85 8.38 7.06
CA LEU A 299 8.42 7.13 7.67
C LEU A 299 7.86 7.39 9.05
N PRO A 300 6.93 6.55 9.52
CA PRO A 300 6.51 6.62 10.93
C PRO A 300 7.66 6.27 11.86
N SER A 301 7.56 6.75 13.09
CA SER A 301 8.57 6.46 14.10
C SER A 301 8.78 4.97 14.27
N LEU A 302 10.03 4.59 14.54
CA LEU A 302 10.31 3.21 14.92
C LEU A 302 9.60 2.83 16.21
N SER A 303 9.17 3.81 17.01
CA SER A 303 8.48 3.49 18.24
C SER A 303 7.10 2.87 18.00
N TRP A 304 6.55 2.93 16.80
CA TRP A 304 5.32 2.18 16.54
C TRP A 304 5.53 0.68 16.68
N GLY A 305 6.75 0.20 16.47
CA GLY A 305 6.99 -1.24 16.51
C GLY A 305 6.37 -2.02 15.37
N VAL A 306 5.96 -1.34 14.31
CA VAL A 306 5.30 -1.91 13.14
C VAL A 306 5.80 -1.11 11.95
N ASP A 307 6.25 -1.81 10.91
CA ASP A 307 6.53 -1.15 9.63
C ASP A 307 5.27 -1.25 8.78
N VAL A 308 4.50 -0.16 8.71
CA VAL A 308 3.25 -0.22 7.96
C VAL A 308 3.49 -0.37 6.46
N TYR A 309 4.70 -0.13 5.98
CA TYR A 309 5.06 -0.34 4.58
C TYR A 309 5.74 -1.69 4.36
N ALA A 310 5.57 -2.63 5.28
CA ALA A 310 6.17 -3.96 5.16
C ALA A 310 5.69 -4.67 3.91
N MET B 1 3.52 -32.78 11.91
CA MET B 1 2.57 -31.69 11.70
C MET B 1 2.71 -31.11 10.29
N SER B 2 1.94 -31.64 9.35
CA SER B 2 2.02 -31.21 7.96
C SER B 2 0.98 -30.17 7.59
N THR B 3 0.07 -29.82 8.49
CA THR B 3 -0.98 -28.88 8.19
C THR B 3 -1.02 -27.80 9.28
N ILE B 4 -1.67 -26.70 8.96
CA ILE B 4 -1.96 -25.64 9.91
C ILE B 4 -3.48 -25.47 9.97
N THR B 5 -4.00 -25.20 11.15
CA THR B 5 -5.45 -25.05 11.34
C THR B 5 -5.86 -23.62 11.02
N LEU B 6 -6.75 -23.47 10.04
CA LEU B 6 -7.29 -22.14 9.74
C LEU B 6 -8.27 -21.72 10.84
N ASN B 7 -8.62 -20.44 10.85
CA ASN B 7 -9.45 -19.91 11.93
C ASN B 7 -10.90 -20.41 11.87
N ASN B 8 -11.29 -21.10 10.80
CA ASN B 8 -12.60 -21.74 10.74
C ASN B 8 -12.54 -23.24 11.00
N GLY B 9 -11.37 -23.77 11.38
CA GLY B 9 -11.24 -25.16 11.74
C GLY B 9 -10.73 -26.09 10.66
N PHE B 10 -10.69 -25.65 9.40
CA PHE B 10 -10.20 -26.50 8.32
C PHE B 10 -8.68 -26.55 8.33
N GLU B 11 -8.12 -27.72 8.01
CA GLU B 11 -6.68 -27.89 7.97
C GLU B 11 -6.15 -27.59 6.58
N MET B 12 -5.02 -26.90 6.53
CA MET B 12 -4.39 -26.54 5.27
C MET B 12 -2.96 -27.07 5.26
N PRO B 13 -2.57 -27.82 4.23
CA PRO B 13 -1.17 -28.28 4.16
C PRO B 13 -0.23 -27.09 4.05
N VAL B 14 0.85 -27.12 4.83
CA VAL B 14 1.77 -25.98 4.85
C VAL B 14 2.71 -25.94 3.66
N ILE B 15 2.82 -27.03 2.90
CA ILE B 15 3.54 -27.07 1.63
C ILE B 15 2.53 -27.27 0.52
N GLY B 16 2.54 -26.39 -0.47
CA GLY B 16 1.69 -26.54 -1.62
C GLY B 16 2.50 -26.35 -2.89
N LEU B 17 1.92 -26.80 -4.01
CA LEU B 17 2.52 -26.56 -5.31
C LEU B 17 1.88 -25.32 -5.93
N GLY B 18 2.70 -24.31 -6.21
CA GLY B 18 2.25 -23.14 -6.94
C GLY B 18 2.21 -23.47 -8.42
N LEU B 19 1.09 -23.18 -9.07
CA LEU B 19 0.92 -23.58 -10.47
C LEU B 19 1.18 -22.46 -11.47
N TRP B 20 1.51 -21.25 -11.02
CA TRP B 20 1.76 -20.16 -11.94
C TRP B 20 2.90 -20.52 -12.90
N ARG B 21 2.64 -20.33 -14.19
CA ARG B 21 3.60 -20.51 -15.28
C ARG B 21 3.89 -21.99 -15.59
N LEU B 22 3.03 -22.90 -15.15
CA LEU B 22 3.06 -24.29 -15.59
C LEU B 22 1.89 -24.53 -16.53
N GLU B 23 2.16 -25.14 -17.69
CA GLU B 23 1.07 -25.44 -18.61
C GLU B 23 1.31 -26.78 -19.29
N LYS B 24 0.24 -27.28 -19.92
CA LYS B 24 0.31 -28.34 -20.93
C LYS B 24 0.80 -29.62 -20.26
N GLU B 25 1.65 -30.40 -20.94
CA GLU B 25 2.11 -31.66 -20.38
C GLU B 25 2.94 -31.45 -19.12
N GLU B 26 3.73 -30.36 -19.07
CA GLU B 26 4.49 -30.08 -17.85
C GLU B 26 3.57 -29.95 -16.66
N LEU B 27 2.43 -29.26 -16.82
CA LEU B 27 1.49 -29.06 -15.73
C LEU B 27 0.85 -30.37 -15.29
N ARG B 28 0.40 -31.18 -16.26
CA ARG B 28 -0.26 -32.44 -15.93
C ARG B 28 0.70 -33.37 -15.20
N SER B 29 1.92 -33.50 -15.71
CA SER B 29 2.91 -34.37 -15.07
C SER B 29 3.33 -33.83 -13.70
N ALA B 30 3.45 -32.50 -13.57
CA ALA B 30 3.84 -31.94 -12.27
C ALA B 30 2.80 -32.25 -11.21
N ILE B 31 1.52 -32.11 -11.56
CA ILE B 31 0.45 -32.37 -10.60
C ILE B 31 0.41 -33.85 -10.25
N LEU B 32 0.48 -34.73 -11.25
CA LEU B 32 0.46 -36.16 -10.94
C LEU B 32 1.69 -36.57 -10.13
N ASN B 33 2.87 -36.08 -10.52
CA ASN B 33 4.07 -36.41 -9.77
C ASN B 33 4.01 -35.87 -8.34
N ALA B 34 3.54 -34.62 -8.18
CA ALA B 34 3.42 -34.03 -6.85
C ALA B 34 2.49 -34.87 -5.97
N ILE B 35 1.33 -35.27 -6.50
CA ILE B 35 0.40 -36.06 -5.70
C ILE B 35 1.03 -37.39 -5.30
N LYS B 36 1.74 -38.05 -6.23
CA LYS B 36 2.37 -39.32 -5.91
C LYS B 36 3.42 -39.17 -4.81
N LEU B 37 4.14 -38.04 -4.80
CA LEU B 37 5.14 -37.78 -3.79
C LEU B 37 4.54 -37.42 -2.45
N GLY B 38 3.29 -36.96 -2.43
CA GLY B 38 2.66 -36.60 -1.16
C GLY B 38 2.07 -35.21 -1.09
N TYR B 39 2.19 -34.41 -2.15
CA TYR B 39 1.59 -33.07 -2.15
C TYR B 39 0.08 -33.19 -2.07
N ARG B 40 -0.53 -32.29 -1.29
CA ARG B 40 -1.97 -32.29 -1.11
C ARG B 40 -2.58 -30.91 -1.29
N HIS B 41 -1.76 -29.90 -1.58
CA HIS B 41 -2.19 -28.52 -1.66
C HIS B 41 -1.76 -28.02 -3.03
N PHE B 42 -2.71 -27.47 -3.79
CA PHE B 42 -2.45 -26.98 -5.14
C PHE B 42 -3.04 -25.59 -5.32
N ASP B 43 -2.20 -24.64 -5.76
CA ASP B 43 -2.57 -23.22 -5.84
C ASP B 43 -2.79 -22.84 -7.31
N ALA B 44 -4.05 -22.72 -7.71
CA ALA B 44 -4.46 -22.38 -9.07
C ALA B 44 -5.03 -20.97 -9.10
N ALA B 45 -5.44 -20.53 -10.30
CA ALA B 45 -6.06 -19.21 -10.44
C ALA B 45 -6.75 -19.13 -11.79
N ALA B 46 -7.89 -18.46 -11.83
CA ALA B 46 -8.57 -18.26 -13.10
C ALA B 46 -7.65 -17.61 -14.14
N HIS B 47 -6.89 -16.59 -13.72
CA HIS B 47 -6.13 -15.84 -14.71
C HIS B 47 -4.89 -16.58 -15.19
N TYR B 48 -4.51 -17.68 -14.56
CA TYR B 48 -3.45 -18.49 -15.15
C TYR B 48 -3.87 -19.13 -16.48
N LYS B 49 -5.17 -19.20 -16.76
CA LYS B 49 -5.72 -19.75 -18.00
C LYS B 49 -5.52 -21.26 -18.12
N THR B 50 -5.29 -21.94 -16.99
CA THR B 50 -5.00 -23.37 -16.97
C THR B 50 -5.97 -24.17 -16.11
N GLU B 51 -7.10 -23.60 -15.67
CA GLU B 51 -7.96 -24.34 -14.75
C GLU B 51 -8.49 -25.63 -15.37
N ILE B 52 -8.77 -25.63 -16.68
CA ILE B 52 -9.25 -26.87 -17.30
C ILE B 52 -8.19 -27.95 -17.20
N ASP B 53 -6.93 -27.60 -17.48
CA ASP B 53 -5.86 -28.59 -17.42
C ASP B 53 -5.58 -29.02 -15.98
N VAL B 54 -5.64 -28.07 -15.04
CA VAL B 54 -5.52 -28.42 -13.62
C VAL B 54 -6.61 -29.40 -13.21
N GLY B 55 -7.85 -29.10 -13.61
CA GLY B 55 -8.95 -29.97 -13.23
C GLY B 55 -8.84 -31.34 -13.84
N ASN B 56 -8.29 -31.45 -15.06
CA ASN B 56 -8.13 -32.75 -15.70
C ASN B 56 -7.07 -33.58 -14.98
N ALA B 57 -5.99 -32.95 -14.53
CA ALA B 57 -4.94 -33.66 -13.81
C ALA B 57 -5.44 -34.15 -12.46
N ILE B 58 -6.15 -33.28 -11.72
CA ILE B 58 -6.70 -33.69 -10.43
C ILE B 58 -7.72 -34.82 -10.61
N ALA B 59 -8.58 -34.71 -11.61
CA ALA B 59 -9.57 -35.77 -11.86
C ALA B 59 -8.88 -37.10 -12.15
N GLU B 60 -7.84 -37.07 -13.00
CA GLU B 60 -7.11 -38.30 -13.29
C GLU B 60 -6.49 -38.90 -12.03
N ALA B 61 -5.96 -38.04 -11.16
CA ALA B 61 -5.36 -38.53 -9.93
C ALA B 61 -6.39 -39.20 -9.03
N ILE B 62 -7.56 -38.57 -8.89
CA ILE B 62 -8.62 -39.16 -8.08
C ILE B 62 -9.14 -40.44 -8.71
N GLN B 63 -9.31 -40.43 -10.03
CA GLN B 63 -9.85 -41.61 -10.72
C GLN B 63 -8.92 -42.81 -10.62
N SER B 64 -7.62 -42.59 -10.50
CA SER B 64 -6.68 -43.69 -10.41
C SER B 64 -6.45 -44.12 -8.96
N GLY B 65 -7.16 -43.53 -8.01
CA GLY B 65 -7.01 -43.91 -6.62
C GLY B 65 -5.77 -43.38 -5.94
N LEU B 66 -5.05 -42.45 -6.57
CA LEU B 66 -3.86 -41.87 -5.93
C LEU B 66 -4.23 -41.02 -4.72
N VAL B 67 -5.45 -40.46 -4.70
CA VAL B 67 -5.86 -39.52 -3.67
C VAL B 67 -7.37 -39.37 -3.77
N LYS B 68 -8.00 -38.94 -2.68
CA LYS B 68 -9.42 -38.61 -2.65
C LYS B 68 -9.61 -37.11 -2.58
N ARG B 69 -10.76 -36.64 -3.07
CA ARG B 69 -11.01 -35.20 -3.10
C ARG B 69 -10.84 -34.59 -1.72
N GLU B 70 -11.37 -35.26 -0.69
CA GLU B 70 -11.36 -34.71 0.65
C GLU B 70 -9.95 -34.57 1.20
N GLU B 71 -8.97 -35.24 0.59
CA GLU B 71 -7.60 -35.15 1.04
C GLU B 71 -6.85 -34.00 0.38
N LEU B 72 -7.43 -33.40 -0.66
CA LEU B 72 -6.80 -32.33 -1.43
C LEU B 72 -7.29 -30.98 -0.95
N PHE B 73 -6.37 -30.01 -1.00
CA PHE B 73 -6.66 -28.60 -0.69
C PHE B 73 -6.42 -27.82 -1.98
N ILE B 74 -7.49 -27.38 -2.64
CA ILE B 74 -7.42 -26.72 -3.93
C ILE B 74 -7.82 -25.26 -3.77
N THR B 75 -6.98 -24.36 -4.28
CA THR B 75 -7.17 -22.92 -4.23
C THR B 75 -7.38 -22.39 -5.64
N SER B 76 -8.33 -21.48 -5.81
CA SER B 76 -8.29 -20.63 -6.99
C SER B 76 -8.51 -19.19 -6.56
N LYS B 77 -8.56 -18.29 -7.55
CA LYS B 77 -8.55 -16.86 -7.26
C LYS B 77 -9.39 -16.12 -8.29
N VAL B 78 -10.07 -15.07 -7.84
CA VAL B 78 -10.88 -14.25 -8.74
C VAL B 78 -10.02 -13.12 -9.30
N TRP B 79 -10.05 -12.96 -10.62
CA TRP B 79 -9.19 -11.97 -11.25
C TRP B 79 -9.75 -10.56 -11.08
N ASN B 80 -8.86 -9.58 -11.27
CA ASN B 80 -9.16 -8.15 -11.14
C ASN B 80 -10.35 -7.72 -12.00
N SER B 81 -10.56 -8.41 -13.12
CA SER B 81 -11.65 -8.02 -14.01
C SER B 81 -13.00 -8.51 -13.53
N ASP B 82 -13.03 -9.35 -12.49
CA ASP B 82 -14.26 -9.96 -11.99
C ASP B 82 -14.63 -9.52 -10.58
N HIS B 83 -14.12 -8.35 -10.13
CA HIS B 83 -14.45 -7.94 -8.76
C HIS B 83 -15.93 -7.63 -8.59
N GLY B 84 -16.64 -7.36 -9.68
CA GLY B 84 -18.08 -7.17 -9.68
C GLY B 84 -18.85 -8.38 -10.14
N HIS B 85 -18.20 -9.52 -10.32
CA HIS B 85 -18.82 -10.74 -10.85
C HIS B 85 -18.28 -11.95 -10.11
N VAL B 86 -18.13 -11.81 -8.78
CA VAL B 86 -17.39 -12.78 -7.98
C VAL B 86 -18.06 -14.15 -8.00
N VAL B 87 -19.38 -14.19 -7.80
CA VAL B 87 -20.04 -15.49 -7.76
C VAL B 87 -20.00 -16.14 -9.15
N GLU B 88 -20.25 -15.37 -10.21
CA GLU B 88 -20.13 -15.92 -11.55
C GLU B 88 -18.73 -16.45 -11.80
N ALA B 89 -17.71 -15.68 -11.41
CA ALA B 89 -16.33 -16.12 -11.63
C ALA B 89 -16.04 -17.38 -10.85
N CYS B 90 -16.61 -17.50 -9.65
CA CYS B 90 -16.34 -18.65 -8.81
C CYS B 90 -16.98 -19.90 -9.39
N LYS B 91 -18.22 -19.79 -9.84
CA LYS B 91 -18.87 -20.92 -10.51
C LYS B 91 -18.13 -21.32 -11.78
N ASN B 92 -17.57 -20.34 -12.50
CA ASN B 92 -16.81 -20.64 -13.70
C ASN B 92 -15.54 -21.40 -13.37
N SER B 93 -14.81 -20.97 -12.33
CA SER B 93 -13.64 -21.71 -11.88
C SER B 93 -14.02 -23.13 -11.47
N LEU B 94 -15.14 -23.30 -10.78
CA LEU B 94 -15.58 -24.63 -10.38
C LEU B 94 -15.88 -25.50 -11.60
N LYS B 95 -16.52 -24.91 -12.61
CA LYS B 95 -16.84 -25.65 -13.84
C LYS B 95 -15.57 -26.11 -14.55
N LYS B 96 -14.61 -25.19 -14.70
CA LYS B 96 -13.37 -25.53 -15.40
C LYS B 96 -12.54 -26.55 -14.62
N LEU B 97 -12.48 -26.40 -13.29
CA LEU B 97 -11.74 -27.32 -12.45
C LEU B 97 -12.44 -28.66 -12.24
N GLN B 98 -13.70 -28.79 -12.66
CA GLN B 98 -14.50 -30.00 -12.42
C GLN B 98 -14.60 -30.32 -10.93
N LEU B 99 -14.79 -29.28 -10.12
CA LEU B 99 -14.93 -29.43 -8.67
C LEU B 99 -16.32 -28.98 -8.24
N ASP B 100 -16.78 -29.53 -7.11
CA ASP B 100 -18.02 -29.08 -6.49
C ASP B 100 -17.78 -27.91 -5.54
N TYR B 101 -16.61 -27.86 -4.92
CA TYR B 101 -16.23 -26.77 -4.02
C TYR B 101 -14.73 -26.51 -4.17
N LEU B 102 -14.34 -25.30 -3.77
CA LEU B 102 -12.94 -24.93 -3.57
C LEU B 102 -12.65 -24.94 -2.08
N ASP B 103 -11.45 -25.39 -1.72
CA ASP B 103 -11.02 -25.28 -0.33
C ASP B 103 -10.70 -23.83 0.03
N LEU B 104 -10.10 -23.09 -0.90
CA LEU B 104 -9.71 -21.71 -0.67
C LEU B 104 -9.95 -20.88 -1.93
N TYR B 105 -10.51 -19.68 -1.75
CA TYR B 105 -10.77 -18.77 -2.87
C TYR B 105 -10.23 -17.42 -2.46
N LEU B 106 -9.34 -16.86 -3.27
CA LEU B 106 -8.64 -15.62 -2.92
C LEU B 106 -8.99 -14.49 -3.88
N VAL B 107 -8.99 -13.26 -3.36
CA VAL B 107 -9.04 -12.09 -4.23
C VAL B 107 -7.64 -11.87 -4.77
N HIS B 108 -7.45 -12.05 -6.08
CA HIS B 108 -6.09 -12.17 -6.62
C HIS B 108 -5.27 -10.89 -6.37
N TYR B 109 -5.88 -9.72 -6.51
CA TYR B 109 -5.24 -8.45 -6.19
C TYR B 109 -6.29 -7.55 -5.55
N PRO B 110 -5.86 -6.62 -4.72
CA PRO B 110 -6.75 -5.59 -4.19
C PRO B 110 -7.02 -4.47 -5.19
N LEU B 111 -7.45 -4.87 -6.39
CA LEU B 111 -7.55 -3.97 -7.54
C LEU B 111 -8.67 -4.46 -8.44
N ALA B 112 -9.60 -3.59 -8.76
CA ALA B 112 -10.64 -3.87 -9.74
C ALA B 112 -10.28 -3.23 -11.08
N THR B 113 -10.45 -4.00 -12.17
CA THR B 113 -10.27 -3.47 -13.52
C THR B 113 -11.50 -3.81 -14.35
N LYS B 114 -11.55 -3.21 -15.55
CA LYS B 114 -12.71 -3.35 -16.44
C LYS B 114 -13.02 -4.81 -16.72
N HIS B 115 -14.31 -5.15 -16.60
CA HIS B 115 -14.75 -6.52 -16.81
C HIS B 115 -14.56 -6.93 -18.27
N SER B 116 -14.06 -8.15 -18.47
CA SER B 116 -13.74 -8.67 -19.79
C SER B 116 -14.48 -9.96 -20.10
N GLY B 117 -15.50 -10.30 -19.33
CA GLY B 117 -16.24 -11.52 -19.58
C GLY B 117 -15.91 -12.63 -18.60
N VAL B 118 -16.93 -13.29 -18.08
CA VAL B 118 -16.71 -14.40 -17.15
C VAL B 118 -16.11 -15.58 -17.91
N GLY B 119 -15.01 -16.11 -17.39
CA GLY B 119 -14.28 -17.18 -18.05
C GLY B 119 -13.28 -16.72 -19.08
N THR B 120 -13.22 -15.41 -19.36
CA THR B 120 -12.24 -14.83 -20.28
C THR B 120 -11.57 -13.63 -19.61
N THR B 121 -10.88 -13.89 -18.51
CA THR B 121 -10.28 -12.82 -17.71
C THR B 121 -9.16 -12.12 -18.49
N ALA B 122 -9.01 -10.83 -18.22
CA ALA B 122 -8.05 -10.01 -18.96
C ALA B 122 -7.74 -8.77 -18.16
N SER B 123 -6.66 -8.10 -18.55
CA SER B 123 -6.27 -6.82 -17.97
C SER B 123 -6.41 -5.79 -19.09
N LEU B 124 -7.58 -5.17 -19.19
CA LEU B 124 -7.87 -4.29 -20.31
C LEU B 124 -7.19 -2.93 -20.16
N LEU B 125 -6.84 -2.31 -21.29
CA LEU B 125 -6.16 -1.03 -21.31
C LEU B 125 -7.10 0.05 -21.82
N ASP B 126 -6.91 1.27 -21.31
CA ASP B 126 -7.73 2.37 -21.76
C ASP B 126 -7.16 2.97 -23.05
N GLU B 127 -7.60 4.17 -23.40
CA GLU B 127 -7.26 4.75 -24.69
C GLU B 127 -5.78 5.09 -24.79
N ASN B 128 -5.10 5.29 -23.66
CA ASN B 128 -3.68 5.64 -23.69
C ASN B 128 -2.79 4.48 -23.26
N LYS B 129 -3.28 3.24 -23.44
CA LYS B 129 -2.52 2.02 -23.13
C LYS B 129 -2.19 1.93 -21.65
N VAL B 130 -3.09 2.44 -20.81
CA VAL B 130 -2.96 2.38 -19.36
C VAL B 130 -4.07 1.48 -18.84
N LEU B 131 -3.74 0.64 -17.86
CA LEU B 131 -4.71 -0.30 -17.28
C LEU B 131 -6.02 0.40 -16.96
N ASP B 132 -7.14 -0.20 -17.41
CA ASP B 132 -8.47 0.38 -17.24
C ASP B 132 -8.98 0.01 -15.85
N ILE B 133 -8.50 0.77 -14.87
CA ILE B 133 -8.80 0.49 -13.47
C ILE B 133 -10.19 0.99 -13.12
N ASP B 134 -10.98 0.11 -12.49
CA ASP B 134 -12.37 0.42 -12.17
C ASP B 134 -12.47 1.26 -10.91
N VAL B 135 -13.43 2.20 -10.89
CA VAL B 135 -13.66 3.01 -9.69
C VAL B 135 -15.12 2.95 -9.29
N THR B 136 -15.73 1.77 -9.44
CA THR B 136 -17.13 1.60 -9.07
C THR B 136 -17.36 0.48 -8.05
N VAL B 137 -16.51 -0.54 -7.97
CA VAL B 137 -16.69 -1.65 -7.06
C VAL B 137 -15.64 -1.57 -5.97
N SER B 138 -16.09 -1.45 -4.72
CA SER B 138 -15.18 -1.41 -3.58
C SER B 138 -14.66 -2.80 -3.23
N LEU B 139 -13.48 -2.82 -2.59
CA LEU B 139 -12.96 -4.09 -2.11
C LEU B 139 -13.89 -4.72 -1.09
N GLU B 140 -14.62 -3.92 -0.32
CA GLU B 140 -15.57 -4.48 0.63
C GLU B 140 -16.71 -5.17 -0.10
N THR B 141 -17.23 -4.56 -1.17
CA THR B 141 -18.29 -5.21 -1.94
C THR B 141 -17.81 -6.54 -2.51
N THR B 142 -16.58 -6.55 -3.04
CA THR B 142 -16.00 -7.80 -3.52
C THR B 142 -15.89 -8.81 -2.37
N TRP B 143 -15.45 -8.36 -1.19
CA TRP B 143 -15.31 -9.27 -0.07
C TRP B 143 -16.65 -9.86 0.37
N HIS B 144 -17.70 -9.04 0.41
CA HIS B 144 -18.97 -9.61 0.82
C HIS B 144 -19.46 -10.63 -0.21
N ASP B 145 -19.07 -10.49 -1.49
CA ASP B 145 -19.41 -11.51 -2.48
C ASP B 145 -18.55 -12.75 -2.30
N MET B 146 -17.29 -12.58 -1.87
CA MET B 146 -16.51 -13.76 -1.46
C MET B 146 -17.20 -14.47 -0.29
N GLU B 147 -17.77 -13.71 0.64
CA GLU B 147 -18.54 -14.33 1.71
C GLU B 147 -19.76 -15.06 1.16
N LYS B 148 -20.38 -14.52 0.10
CA LYS B 148 -21.53 -15.20 -0.52
C LYS B 148 -21.14 -16.52 -1.16
N THR B 149 -19.92 -16.63 -1.72
CA THR B 149 -19.52 -17.94 -2.24
C THR B 149 -19.41 -18.97 -1.12
N VAL B 150 -19.07 -18.53 0.08
CA VAL B 150 -19.07 -19.44 1.23
C VAL B 150 -20.51 -19.79 1.60
N SER B 151 -21.38 -18.77 1.66
CA SER B 151 -22.78 -19.00 2.02
C SER B 151 -23.46 -19.97 1.08
N LEU B 152 -23.11 -19.91 -0.20
CA LEU B 152 -23.68 -20.78 -1.22
C LEU B 152 -23.07 -22.17 -1.22
N GLY B 153 -22.09 -22.45 -0.37
CA GLY B 153 -21.42 -23.74 -0.35
C GLY B 153 -20.43 -23.98 -1.46
N LEU B 154 -20.07 -22.93 -2.22
CA LEU B 154 -19.11 -23.07 -3.31
C LEU B 154 -17.68 -23.13 -2.80
N VAL B 155 -17.42 -22.54 -1.63
CA VAL B 155 -16.07 -22.32 -1.13
C VAL B 155 -16.06 -22.57 0.37
N ARG B 156 -15.01 -23.22 0.87
CA ARG B 156 -14.87 -23.41 2.31
C ARG B 156 -14.23 -22.20 2.97
N SER B 157 -13.05 -21.82 2.52
CA SER B 157 -12.26 -20.74 3.11
C SER B 157 -11.98 -19.65 2.08
N ILE B 158 -11.89 -18.41 2.55
CA ILE B 158 -11.69 -17.28 1.66
C ILE B 158 -10.53 -16.46 2.19
N GLY B 159 -9.94 -15.68 1.30
CA GLY B 159 -8.78 -14.93 1.72
C GLY B 159 -8.33 -13.94 0.69
N LEU B 160 -7.16 -13.38 0.95
CA LEU B 160 -6.61 -12.24 0.24
C LEU B 160 -5.37 -12.68 -0.51
N SER B 161 -5.09 -12.00 -1.62
CA SER B 161 -3.82 -12.16 -2.30
C SER B 161 -3.28 -10.77 -2.61
N ASN B 162 -2.00 -10.55 -2.26
CA ASN B 162 -1.29 -9.30 -2.56
C ASN B 162 -1.88 -8.10 -1.82
N TYR B 163 -2.49 -8.34 -0.67
CA TYR B 163 -2.93 -7.29 0.23
C TYR B 163 -1.84 -7.05 1.26
N GLU B 164 -1.58 -5.78 1.62
CA GLU B 164 -0.59 -5.47 2.64
C GLU B 164 -1.29 -5.00 3.92
N LEU B 165 -0.56 -4.28 4.79
CA LEU B 165 -1.11 -4.05 6.13
C LEU B 165 -2.35 -3.17 6.09
N PHE B 166 -2.30 -2.04 5.38
CA PHE B 166 -3.46 -1.15 5.41
C PHE B 166 -4.71 -1.84 4.86
N LEU B 167 -4.56 -2.59 3.77
CA LEU B 167 -5.71 -3.24 3.16
C LEU B 167 -6.20 -4.42 3.99
N THR B 168 -5.27 -5.10 4.67
CA THR B 168 -5.67 -6.25 5.49
C THR B 168 -6.40 -5.77 6.74
N ARG B 169 -5.89 -4.72 7.40
CA ARG B 169 -6.60 -4.13 8.53
C ARG B 169 -8.00 -3.71 8.11
N ASP B 170 -8.12 -3.11 6.92
CA ASP B 170 -9.43 -2.66 6.46
C ASP B 170 -10.37 -3.85 6.29
N CYS B 171 -9.89 -4.92 5.64
CA CYS B 171 -10.70 -6.13 5.49
C CYS B 171 -11.17 -6.65 6.82
N LEU B 172 -10.26 -6.77 7.80
CA LEU B 172 -10.65 -7.27 9.11
C LEU B 172 -11.72 -6.40 9.75
N SER B 173 -11.70 -5.09 9.47
CA SER B 173 -12.66 -4.20 10.10
C SER B 173 -14.07 -4.28 9.51
N TYR B 174 -14.23 -4.71 8.25
CA TYR B 174 -15.57 -4.83 7.68
C TYR B 174 -16.01 -6.26 7.39
N ALA B 175 -15.16 -7.25 7.57
CA ALA B 175 -15.53 -8.61 7.19
C ALA B 175 -16.54 -9.19 8.16
N LYS B 176 -17.53 -9.91 7.61
CA LYS B 176 -18.36 -10.77 8.45
C LYS B 176 -17.77 -12.15 8.60
N ILE B 177 -17.10 -12.65 7.57
CA ILE B 177 -16.22 -13.81 7.67
C ILE B 177 -14.79 -13.28 7.59
N LYS B 178 -14.07 -13.32 8.71
CA LYS B 178 -12.67 -12.95 8.73
C LYS B 178 -11.89 -13.81 7.73
N PRO B 179 -11.01 -13.23 6.92
CA PRO B 179 -10.25 -14.04 5.96
C PRO B 179 -9.46 -15.13 6.68
N GLN B 180 -9.45 -16.32 6.08
CA GLN B 180 -8.65 -17.41 6.64
C GLN B 180 -7.17 -17.27 6.28
N VAL B 181 -6.87 -16.70 5.12
CA VAL B 181 -5.53 -16.71 4.56
C VAL B 181 -5.26 -15.35 3.93
N SER B 182 -4.02 -14.88 4.04
CA SER B 182 -3.52 -13.76 3.25
C SER B 182 -2.24 -14.21 2.58
N GLN B 183 -2.26 -14.27 1.24
CA GLN B 183 -1.15 -14.82 0.47
C GLN B 183 -0.43 -13.63 -0.16
N PHE B 184 0.90 -13.61 -0.07
CA PHE B 184 1.66 -12.50 -0.64
C PHE B 184 3.09 -12.94 -0.81
N GLU B 185 3.86 -12.17 -1.58
CA GLU B 185 5.27 -12.50 -1.76
C GLU B 185 6.00 -12.30 -0.45
N THR B 186 6.68 -13.35 0.02
CA THR B 186 7.60 -13.19 1.13
C THR B 186 8.58 -14.35 1.14
N HIS B 187 9.85 -14.03 1.42
CA HIS B 187 10.99 -14.94 1.30
C HIS B 187 12.16 -14.30 2.05
N PRO B 188 13.31 -14.95 2.17
CA PRO B 188 14.39 -14.35 2.99
C PRO B 188 14.91 -13.01 2.50
N TYR B 189 14.68 -12.61 1.24
CA TYR B 189 15.09 -11.26 0.83
C TYR B 189 13.95 -10.24 0.89
N PHE B 190 12.74 -10.66 1.31
CA PHE B 190 11.55 -9.79 1.40
C PHE B 190 10.72 -10.37 2.54
N GLN B 191 11.17 -10.12 3.78
CA GLN B 191 10.70 -10.88 4.92
C GLN B 191 9.39 -10.37 5.48
N ARG B 192 9.15 -9.06 5.38
CA ARG B 192 7.83 -8.49 5.70
C ARG B 192 7.36 -8.90 7.10
N GLU B 193 8.28 -8.89 8.08
CA GLU B 193 7.93 -9.39 9.41
C GLU B 193 6.70 -8.72 9.98
N SER B 194 6.58 -7.40 9.82
CA SER B 194 5.44 -6.71 10.41
C SER B 194 4.12 -7.21 9.86
N LEU B 195 4.11 -7.56 8.57
CA LEU B 195 2.86 -7.98 7.96
C LEU B 195 2.51 -9.40 8.35
N VAL B 196 3.51 -10.27 8.37
CA VAL B 196 3.34 -11.63 8.86
C VAL B 196 2.84 -11.62 10.29
N ARG B 197 3.45 -10.80 11.14
CA ARG B 197 3.05 -10.76 12.55
C ARG B 197 1.64 -10.20 12.70
N PHE B 198 1.28 -9.21 11.89
CA PHE B 198 -0.05 -8.62 11.98
C PHE B 198 -1.13 -9.63 11.61
N CYS B 199 -0.93 -10.35 10.50
CA CYS B 199 -1.86 -11.40 10.10
C CYS B 199 -2.05 -12.40 11.23
N LYS B 200 -0.94 -12.90 11.79
CA LYS B 200 -0.99 -13.93 12.83
C LYS B 200 -1.69 -13.41 14.08
N LYS B 201 -1.44 -12.15 14.45
CA LYS B 201 -2.10 -11.56 15.61
C LYS B 201 -3.61 -11.67 15.49
N HIS B 202 -4.14 -11.52 14.28
CA HIS B 202 -5.57 -11.51 14.07
C HIS B 202 -6.10 -12.82 13.50
N GLY B 203 -5.33 -13.90 13.61
CA GLY B 203 -5.85 -15.22 13.26
C GLY B 203 -5.92 -15.50 11.78
N VAL B 204 -5.20 -14.73 10.97
CA VAL B 204 -5.11 -14.95 9.53
C VAL B 204 -3.79 -15.66 9.27
N VAL B 205 -3.84 -16.74 8.51
CA VAL B 205 -2.61 -17.45 8.15
C VAL B 205 -1.95 -16.73 6.97
N PRO B 206 -0.76 -16.16 7.15
CA PRO B 206 -0.02 -15.60 6.02
C PRO B 206 0.58 -16.74 5.23
N MET B 207 0.53 -16.63 3.91
CA MET B 207 1.05 -17.67 3.03
C MET B 207 1.97 -17.05 1.99
N ALA B 208 3.13 -17.66 1.79
CA ALA B 208 4.19 -17.10 0.96
C ALA B 208 4.07 -17.62 -0.47
N HIS B 209 3.63 -16.78 -1.39
CA HIS B 209 3.93 -17.07 -2.78
C HIS B 209 5.31 -16.52 -3.11
N THR B 210 5.88 -16.98 -4.22
CA THR B 210 7.27 -16.69 -4.56
C THR B 210 8.21 -16.95 -3.38
N PRO B 211 8.10 -18.11 -2.72
CA PRO B 211 8.83 -18.31 -1.45
C PRO B 211 10.33 -18.46 -1.61
N LEU B 212 10.83 -18.61 -2.83
CA LEU B 212 12.26 -18.68 -3.07
C LEU B 212 12.82 -17.39 -3.64
N GLY B 213 11.99 -16.35 -3.76
CA GLY B 213 12.46 -15.08 -4.26
C GLY B 213 12.74 -15.14 -5.75
N GLY B 214 13.70 -14.32 -6.18
CA GLY B 214 14.12 -14.25 -7.56
C GLY B 214 15.02 -15.40 -7.97
N PHE B 222 22.43 -8.41 -18.30
CA PHE B 222 21.49 -9.32 -17.65
C PHE B 222 21.98 -9.72 -16.26
N GLY B 223 21.93 -11.01 -15.96
CA GLY B 223 22.13 -11.48 -14.60
C GLY B 223 20.94 -11.15 -13.73
N SER B 224 20.92 -11.73 -12.54
CA SER B 224 19.78 -11.54 -11.64
C SER B 224 20.22 -11.84 -10.21
N ILE B 225 19.24 -11.77 -9.31
CA ILE B 225 19.49 -11.74 -7.87
C ILE B 225 18.52 -12.66 -7.15
N SER B 226 19.04 -13.39 -6.15
CA SER B 226 18.26 -14.41 -5.48
C SER B 226 18.75 -14.64 -4.05
N PRO B 227 17.84 -14.87 -3.09
CA PRO B 227 18.29 -15.20 -1.73
C PRO B 227 19.02 -16.53 -1.66
N LEU B 228 18.77 -17.43 -2.60
CA LEU B 228 19.46 -18.70 -2.65
C LEU B 228 20.95 -18.54 -2.91
N GLU B 229 21.40 -17.36 -3.33
CA GLU B 229 22.81 -17.06 -3.52
C GLU B 229 23.42 -16.33 -2.35
N ASP B 230 22.64 -16.03 -1.31
CA ASP B 230 23.19 -15.31 -0.18
C ASP B 230 24.15 -16.23 0.58
N PRO B 231 25.35 -15.76 0.92
CA PRO B 231 26.28 -16.60 1.69
C PRO B 231 25.68 -17.18 2.96
N VAL B 232 24.73 -16.49 3.58
CA VAL B 232 24.14 -17.01 4.80
C VAL B 232 23.35 -18.29 4.52
N LEU B 233 22.52 -18.27 3.47
CA LEU B 233 21.76 -19.47 3.14
C LEU B 233 22.67 -20.58 2.64
N ILE B 234 23.70 -20.23 1.85
CA ILE B 234 24.65 -21.24 1.37
C ILE B 234 25.36 -21.92 2.54
N GLY B 235 25.76 -21.13 3.53
CA GLY B 235 26.41 -21.71 4.69
C GLY B 235 25.48 -22.59 5.50
N LEU B 236 24.22 -22.16 5.66
CA LEU B 236 23.27 -22.98 6.40
C LEU B 236 22.91 -24.25 5.64
N ALA B 237 22.88 -24.18 4.31
CA ALA B 237 22.66 -25.39 3.51
C ALA B 237 23.72 -26.44 3.81
N LYS B 238 25.00 -26.03 3.85
CA LYS B 238 26.06 -26.98 4.17
C LYS B 238 25.98 -27.45 5.62
N LYS B 239 25.58 -26.55 6.51
CA LYS B 239 25.49 -26.91 7.93
C LYS B 239 24.43 -27.97 8.15
N TYR B 240 23.25 -27.80 7.54
CA TYR B 240 22.14 -28.74 7.71
C TYR B 240 22.13 -29.87 6.70
N GLN B 241 23.04 -29.86 5.74
CA GLN B 241 23.07 -30.86 4.67
C GLN B 241 21.73 -30.87 3.93
N LYS B 242 21.28 -29.66 3.57
CA LYS B 242 20.06 -29.44 2.79
C LYS B 242 20.38 -28.54 1.61
N SER B 243 19.45 -28.43 0.67
CA SER B 243 19.65 -27.47 -0.40
C SER B 243 19.33 -26.07 0.11
N VAL B 244 19.87 -25.05 -0.56
CA VAL B 244 19.56 -23.68 -0.17
C VAL B 244 18.06 -23.43 -0.27
N ALA B 245 17.39 -24.00 -1.28
CA ALA B 245 15.95 -23.82 -1.39
C ALA B 245 15.23 -24.43 -0.19
N GLN B 246 15.69 -25.59 0.28
CA GLN B 246 15.06 -26.18 1.46
C GLN B 246 15.23 -25.30 2.69
N ILE B 247 16.40 -24.67 2.86
CA ILE B 247 16.60 -23.74 3.97
C ILE B 247 15.61 -22.58 3.85
N ALA B 248 15.52 -21.99 2.66
CA ALA B 248 14.64 -20.84 2.47
C ALA B 248 13.19 -21.19 2.77
N LEU B 249 12.73 -22.37 2.31
CA LEU B 249 11.36 -22.79 2.57
C LEU B 249 11.13 -23.05 4.05
N ARG B 250 12.05 -23.77 4.69
CA ARG B 250 11.89 -24.09 6.11
C ARG B 250 11.82 -22.81 6.95
N TRP B 251 12.57 -21.78 6.56
CA TRP B 251 12.53 -20.52 7.30
C TRP B 251 11.11 -19.94 7.37
N ASN B 252 10.36 -20.03 6.27
CA ASN B 252 8.97 -19.55 6.31
C ASN B 252 8.09 -20.49 7.15
N ILE B 253 8.27 -21.79 6.96
CA ILE B 253 7.52 -22.76 7.78
C ILE B 253 7.75 -22.53 9.26
N GLU B 254 8.98 -22.18 9.66
CA GLU B 254 9.29 -22.00 11.08
C GLU B 254 8.50 -20.87 11.71
N ARG B 255 8.13 -19.85 10.92
CA ARG B 255 7.32 -18.75 11.45
C ARG B 255 5.84 -18.89 11.08
N GLY B 256 5.37 -20.12 10.88
CA GLY B 256 3.96 -20.35 10.65
C GLY B 256 3.43 -19.80 9.36
N THR B 257 4.29 -19.68 8.35
CA THR B 257 3.92 -19.14 7.05
C THR B 257 4.06 -20.25 6.01
N PRO B 258 2.96 -20.91 5.63
CA PRO B 258 3.01 -21.91 4.56
C PRO B 258 3.59 -21.36 3.26
N VAL B 259 4.10 -22.27 2.43
CA VAL B 259 4.82 -21.93 1.23
C VAL B 259 4.21 -22.65 0.02
N ILE B 260 4.19 -21.98 -1.13
CA ILE B 260 3.73 -22.66 -2.34
C ILE B 260 4.79 -22.56 -3.43
N PRO B 261 5.94 -23.21 -3.27
CA PRO B 261 6.97 -23.16 -4.32
C PRO B 261 6.45 -23.75 -5.62
N LYS B 262 6.95 -23.21 -6.72
CA LYS B 262 6.59 -23.71 -8.04
C LYS B 262 7.70 -24.62 -8.53
N SER B 263 7.33 -25.73 -9.15
CA SER B 263 8.32 -26.72 -9.55
C SER B 263 7.64 -27.80 -10.37
N SER B 264 8.33 -28.29 -11.40
CA SER B 264 7.87 -29.46 -12.11
C SER B 264 8.77 -30.66 -11.90
N LYS B 265 10.06 -30.43 -11.64
CA LYS B 265 11.01 -31.53 -11.63
C LYS B 265 10.84 -32.36 -10.37
N VAL B 266 10.73 -33.68 -10.56
CA VAL B 266 10.39 -34.59 -9.47
C VAL B 266 11.39 -34.45 -8.32
N GLU B 267 12.67 -34.28 -8.65
CA GLU B 267 13.70 -34.15 -7.61
C GLU B 267 13.48 -32.91 -6.76
N ARG B 268 13.05 -31.81 -7.37
CA ARG B 268 12.76 -30.59 -6.61
C ARG B 268 11.45 -30.72 -5.86
N LEU B 269 10.42 -31.27 -6.50
CA LEU B 269 9.15 -31.53 -5.81
C LEU B 269 9.40 -32.32 -4.53
N LYS B 270 10.23 -33.36 -4.61
CA LYS B 270 10.53 -34.19 -3.46
C LYS B 270 11.28 -33.41 -2.38
N GLU B 271 12.32 -32.66 -2.78
CA GLU B 271 13.07 -31.88 -1.81
C GLU B 271 12.19 -30.86 -1.10
N ASN B 272 11.30 -30.19 -1.85
CA ASN B 272 10.46 -29.18 -1.23
C ASN B 272 9.53 -29.80 -0.20
N LEU B 273 8.96 -30.97 -0.51
CA LEU B 273 8.09 -31.62 0.46
C LEU B 273 8.86 -32.12 1.67
N GLU B 274 10.13 -32.50 1.51
CA GLU B 274 10.92 -32.97 2.66
C GLU B 274 11.34 -31.83 3.59
N VAL B 275 11.00 -30.58 3.27
CA VAL B 275 11.17 -29.48 4.21
C VAL B 275 10.44 -29.78 5.51
N LEU B 276 9.40 -30.63 5.46
CA LEU B 276 8.67 -31.03 6.66
C LEU B 276 9.48 -31.93 7.58
N ASN B 277 10.64 -32.43 7.14
CA ASN B 277 11.36 -33.47 7.87
C ASN B 277 12.56 -32.96 8.67
N PHE B 278 12.78 -31.64 8.73
CA PHE B 278 13.88 -31.11 9.54
C PHE B 278 13.44 -29.77 10.09
N LYS B 279 14.20 -29.28 11.07
CA LYS B 279 13.91 -28.01 11.73
C LYS B 279 15.15 -27.15 11.74
N LEU B 280 14.94 -25.83 11.69
CA LEU B 280 16.03 -24.88 11.88
C LEU B 280 16.14 -24.48 13.34
N GLU B 281 17.37 -24.40 13.83
CA GLU B 281 17.63 -23.93 15.18
C GLU B 281 17.35 -22.44 15.29
N LYS B 282 16.98 -22.03 16.50
CA LYS B 282 16.61 -20.64 16.78
C LYS B 282 17.66 -19.66 16.27
N GLU B 283 18.93 -19.92 16.59
CA GLU B 283 20.00 -19.00 16.22
C GLU B 283 20.18 -18.92 14.71
N ASP B 284 19.86 -20.00 14.00
CA ASP B 284 20.00 -19.97 12.55
C ASP B 284 18.86 -19.19 11.90
N ILE B 285 17.64 -19.32 12.43
CA ILE B 285 16.54 -18.46 12.00
C ILE B 285 16.93 -17.00 12.15
N GLU B 286 17.49 -16.65 13.32
CA GLU B 286 17.89 -15.27 13.58
C GLU B 286 18.95 -14.83 12.59
N LEU B 287 19.87 -15.73 12.21
CA LEU B 287 20.83 -15.42 11.17
C LEU B 287 20.13 -15.06 9.86
N ILE B 288 19.14 -15.86 9.47
CA ILE B 288 18.41 -15.54 8.24
C ILE B 288 17.68 -14.21 8.37
N ASN B 289 17.13 -13.92 9.56
CA ASN B 289 16.42 -12.66 9.74
C ASN B 289 17.29 -11.46 9.41
N THR B 290 18.61 -11.58 9.59
CA THR B 290 19.49 -10.44 9.32
C THR B 290 19.66 -10.13 7.84
N ILE B 291 19.22 -11.00 6.91
CA ILE B 291 19.53 -10.79 5.50
C ILE B 291 18.36 -10.18 4.72
N ASP B 292 17.32 -9.72 5.41
CA ASP B 292 16.19 -9.11 4.70
C ASP B 292 16.69 -7.96 3.85
N LYS B 293 16.19 -7.90 2.61
CA LYS B 293 16.53 -6.80 1.70
C LYS B 293 15.33 -5.99 1.27
N LYS B 294 14.11 -6.33 1.74
CA LYS B 294 12.88 -5.65 1.33
C LYS B 294 12.76 -5.61 -0.19
N PHE B 295 13.09 -6.73 -0.80
CA PHE B 295 13.30 -6.81 -2.24
C PHE B 295 12.14 -7.57 -2.90
N ARG B 296 11.25 -6.80 -3.53
CA ARG B 296 10.08 -7.37 -4.20
C ARG B 296 10.43 -7.83 -5.60
N THR B 297 10.15 -9.10 -5.91
CA THR B 297 10.52 -9.67 -7.19
C THR B 297 9.33 -10.05 -8.06
N THR B 298 8.13 -10.17 -7.50
CA THR B 298 6.96 -10.61 -8.26
C THR B 298 6.09 -9.41 -8.55
N LEU B 299 6.15 -8.94 -9.80
CA LEU B 299 5.52 -7.73 -10.24
C LEU B 299 4.51 -8.03 -11.33
N PRO B 300 3.44 -7.25 -11.42
CA PRO B 300 2.53 -7.39 -12.56
C PRO B 300 3.25 -7.08 -13.86
N SER B 301 2.68 -7.58 -14.94
CA SER B 301 3.21 -7.35 -16.28
C SER B 301 3.42 -5.86 -16.54
N LEU B 302 4.54 -5.55 -17.20
CA LEU B 302 4.77 -4.17 -17.63
C LEU B 302 3.73 -3.71 -18.64
N SER B 303 3.03 -4.63 -19.28
CA SER B 303 1.99 -4.26 -20.24
C SER B 303 0.79 -3.59 -19.59
N TRP B 304 0.65 -3.62 -18.26
CA TRP B 304 -0.43 -2.88 -17.63
C TRP B 304 -0.25 -1.38 -17.78
N GLY B 305 1.00 -0.91 -17.94
CA GLY B 305 1.21 0.52 -18.07
C GLY B 305 1.02 1.29 -16.80
N VAL B 306 0.95 0.60 -15.66
CA VAL B 306 0.77 1.22 -14.36
C VAL B 306 1.63 0.43 -13.37
N ASP B 307 2.35 1.14 -12.51
CA ASP B 307 3.05 0.48 -11.40
C ASP B 307 2.11 0.54 -10.21
N VAL B 308 1.48 -0.59 -9.89
CA VAL B 308 0.50 -0.59 -8.80
C VAL B 308 1.17 -0.39 -7.44
N TYR B 309 2.48 -0.62 -7.36
CA TYR B 309 3.25 -0.39 -6.14
C TYR B 309 3.94 0.97 -6.14
N ALA B 310 3.48 1.90 -6.96
CA ALA B 310 4.07 3.23 -7.09
C ALA B 310 4.06 4.00 -5.76
#